data_6LKT
#
_entry.id   6LKT
#
_cell.length_a   39.400
_cell.length_b   120.000
_cell.length_c   42.600
_cell.angle_alpha   90.000
_cell.angle_beta   97.000
_cell.angle_gamma   90.000
#
_symmetry.space_group_name_H-M   'P 1 21 1'
#
loop_
_entity.id
_entity.type
_entity.pdbx_description
1 polymer 'antibody Fab fragment H chain'
2 polymer 'antibody Fab Fragment L-chain'
3 water water
#
loop_
_entity_poly.entity_id
_entity_poly.type
_entity_poly.pdbx_seq_one_letter_code
_entity_poly.pdbx_strand_id
1 'polypeptide(L)'
;EVQLQQSGPELEKPGASVKISCKASGYSFTGYNMNWVKQSAGKRLEWIGNIDPYYGGASYNQKFKGKATLTVDKSSTTAY
MQLQSLTSEDSAVYYCARGGYGRYFDVWGAGTAVTVSVAKTTPPSVYPLAPGCGDTTGSSVTLGCLVKGYFPESVTVTWN
SGSLSSSVHTFPALLQSGLYTMSSSVTVPSSTWPSQTVTCSVAHPASSTTVDKKLEP
;
A
2 'polypeptide(L)'
;QIVLTQSPATMSASPGMKVTMTCSASSSISYMHWYQQKPGTSPKRWIYDTSKLASGVPARFSGSGSGTSYSLTISNMESE
DAATYYCHQRSRYHTFGGGTRLEIKRADAAPTVSIFPPSSEQLTSGGASVVCFLNNFYPKDINVKWKIDGSERQNGVLNS
WTDQDSKDSTYSMSSTLTLTKDEYERHNSYTCEATHKTSTSPIVKSFNRN
;
B
#
# COMPACT_ATOMS: atom_id res chain seq x y z
N GLU A 1 -23.17 12.30 -16.21
CA GLU A 1 -21.93 12.85 -16.73
C GLU A 1 -21.00 11.75 -17.27
N VAL A 2 -19.74 12.12 -17.48
CA VAL A 2 -18.76 11.19 -18.04
C VAL A 2 -18.30 10.22 -16.97
N GLN A 3 -18.38 8.94 -17.29
CA GLN A 3 -17.98 7.90 -16.35
C GLN A 3 -17.23 6.80 -17.07
N LEU A 4 -16.27 6.20 -16.36
CA LEU A 4 -15.60 5.02 -16.85
C LEU A 4 -15.82 3.93 -15.81
N GLN A 5 -16.52 2.88 -16.19
CA GLN A 5 -16.85 1.79 -15.27
C GLN A 5 -15.97 0.58 -15.54
N GLN A 6 -15.08 0.24 -14.58
CA GLN A 6 -14.16 -0.87 -14.79
C GLN A 6 -14.70 -2.17 -14.20
N SER A 7 -14.24 -3.28 -14.76
CA SER A 7 -14.66 -4.61 -14.32
C SER A 7 -14.03 -4.97 -12.96
N GLY A 8 -14.54 -6.04 -12.35
CA GLY A 8 -14.19 -6.35 -10.98
C GLY A 8 -12.85 -7.03 -10.84
N PRO A 9 -12.46 -7.32 -9.59
CA PRO A 9 -11.15 -7.90 -9.28
C PRO A 9 -10.94 -9.26 -9.96
N GLU A 10 -9.71 -9.50 -10.40
CA GLU A 10 -9.35 -10.73 -11.08
C GLU A 10 -8.34 -11.51 -10.26
N LEU A 11 -8.51 -12.83 -10.25
CA LEU A 11 -7.57 -13.74 -9.60
C LEU A 11 -7.21 -14.81 -10.61
N GLU A 12 -5.94 -14.88 -11.01
CA GLU A 12 -5.52 -15.88 -11.97
C GLU A 12 -4.17 -16.48 -11.64
N LYS A 13 -3.91 -17.64 -12.25
CA LYS A 13 -2.67 -18.37 -12.01
C LYS A 13 -1.57 -17.92 -12.95
N PRO A 14 -0.31 -18.08 -12.54
CA PRO A 14 0.81 -17.75 -13.42
C PRO A 14 0.66 -18.44 -14.78
N GLY A 15 0.95 -17.69 -15.85
CA GLY A 15 0.89 -18.23 -17.20
C GLY A 15 -0.47 -18.04 -17.86
N ALA A 16 -1.47 -17.70 -17.07
CA ALA A 16 -2.80 -17.53 -17.63
C ALA A 16 -2.95 -16.11 -18.20
N SER A 17 -4.12 -15.81 -18.73
CA SER A 17 -4.36 -14.47 -19.22
C SER A 17 -5.60 -13.90 -18.56
N VAL A 18 -5.72 -12.57 -18.62
CA VAL A 18 -6.88 -11.90 -18.08
C VAL A 18 -7.26 -10.78 -19.03
N LYS A 19 -8.55 -10.53 -19.15
CA LYS A 19 -9.02 -9.42 -19.97
C LYS A 19 -9.94 -8.57 -19.11
N ILE A 20 -9.55 -7.32 -18.90
CA ILE A 20 -10.32 -6.44 -18.07
C ILE A 20 -10.95 -5.35 -18.92
N SER A 21 -12.04 -4.79 -18.46
CA SER A 21 -12.81 -3.87 -19.28
C SER A 21 -13.05 -2.53 -18.60
N CYS A 22 -13.41 -1.56 -19.44
CA CYS A 22 -13.58 -0.19 -19.03
C CYS A 22 -14.69 0.38 -19.90
N LYS A 23 -15.90 0.41 -19.35
CA LYS A 23 -17.10 0.83 -20.08
C LYS A 23 -17.29 2.33 -19.96
N ALA A 24 -17.27 3.03 -21.10
CA ALA A 24 -17.32 4.48 -21.09
C ALA A 24 -18.77 4.92 -21.27
N SER A 25 -19.12 6.06 -20.68
CA SER A 25 -20.46 6.59 -20.87
C SER A 25 -20.46 8.10 -20.81
N GLY A 26 -21.41 8.69 -21.52
CA GLY A 26 -21.70 10.11 -21.37
C GLY A 26 -21.07 11.00 -22.40
N TYR A 27 -20.30 10.42 -23.31
CA TYR A 27 -19.60 11.22 -24.31
C TYR A 27 -19.39 10.44 -25.60
N SER A 28 -19.00 11.14 -26.66
CA SER A 28 -18.83 10.52 -27.97
C SER A 28 -17.57 9.68 -27.90
N PHE A 29 -17.74 8.37 -27.93
CA PHE A 29 -16.69 7.43 -27.55
C PHE A 29 -15.40 7.57 -28.39
N THR A 30 -15.57 7.82 -29.68
CA THR A 30 -14.42 7.90 -30.57
C THR A 30 -13.68 9.23 -30.50
N GLY A 31 -14.17 10.17 -29.70
CA GLY A 31 -13.56 11.49 -29.66
C GLY A 31 -12.39 11.62 -28.71
N TYR A 32 -12.12 10.57 -27.94
CA TYR A 32 -11.03 10.61 -26.97
C TYR A 32 -10.24 9.32 -26.97
N ASN A 33 -8.91 9.43 -26.85
CA ASN A 33 -8.10 8.24 -26.65
C ASN A 33 -8.31 7.67 -25.25
N MET A 34 -8.22 6.35 -25.12
CA MET A 34 -8.32 5.70 -23.82
C MET A 34 -6.94 5.21 -23.44
N ASN A 35 -6.53 5.53 -22.21
CA ASN A 35 -5.22 5.16 -21.70
C ASN A 35 -5.34 4.14 -20.61
N TRP A 36 -4.29 3.33 -20.44
CA TRP A 36 -4.26 2.36 -19.36
C TRP A 36 -3.02 2.61 -18.50
N VAL A 37 -3.20 2.50 -17.19
CA VAL A 37 -2.15 2.86 -16.23
C VAL A 37 -2.05 1.75 -15.21
N LYS A 38 -0.82 1.32 -14.90
CA LYS A 38 -0.60 0.30 -13.88
C LYS A 38 -0.13 0.93 -12.58
N GLN A 39 -0.60 0.40 -11.46
CA GLN A 39 -0.08 0.82 -10.18
C GLN A 39 0.12 -0.40 -9.27
N SER A 40 1.36 -0.79 -9.04
CA SER A 40 1.65 -1.87 -8.10
C SER A 40 1.43 -1.35 -6.69
N ALA A 41 1.09 -2.24 -5.77
CA ALA A 41 0.72 -1.86 -4.40
C ALA A 41 1.75 -0.91 -3.80
N GLY A 42 1.28 0.27 -3.44
CA GLY A 42 2.13 1.26 -2.79
C GLY A 42 3.21 1.86 -3.66
N LYS A 43 3.04 1.79 -4.98
CA LYS A 43 4.07 2.25 -5.90
C LYS A 43 3.54 3.30 -6.88
N ARG A 44 4.39 3.70 -7.82
CA ARG A 44 4.06 4.80 -8.72
C ARG A 44 3.14 4.37 -9.84
N LEU A 45 2.56 5.36 -10.51
CA LEU A 45 1.80 5.15 -11.73
C LEU A 45 2.74 4.86 -12.88
N GLU A 46 2.35 3.90 -13.72
CA GLU A 46 3.11 3.56 -14.90
C GLU A 46 2.19 3.53 -16.13
N TRP A 47 2.56 4.23 -17.19
CA TRP A 47 1.71 4.24 -18.38
C TRP A 47 1.95 2.95 -19.15
N ILE A 48 0.87 2.28 -19.51
CA ILE A 48 0.93 1.04 -20.28
C ILE A 48 0.80 1.31 -21.78
N GLY A 49 -0.22 2.08 -22.14
CA GLY A 49 -0.45 2.38 -23.54
C GLY A 49 -1.78 3.06 -23.75
N ASN A 50 -2.10 3.39 -25.00
CA ASN A 50 -3.41 3.92 -25.24
C ASN A 50 -3.97 3.45 -26.57
N ILE A 51 -5.25 3.70 -26.78
CA ILE A 51 -5.87 3.29 -28.03
C ILE A 51 -6.82 4.37 -28.49
N ASP A 52 -6.83 4.58 -29.81
CA ASP A 52 -7.74 5.52 -30.43
C ASP A 52 -8.96 4.79 -30.95
N PRO A 53 -10.14 5.04 -30.36
CA PRO A 53 -11.27 4.22 -30.80
C PRO A 53 -11.75 4.59 -32.21
N TYR A 54 -11.37 5.75 -32.73
CA TYR A 54 -11.84 6.10 -34.07
C TYR A 54 -11.13 5.31 -35.15
N TYR A 55 -9.80 5.40 -35.24
CA TYR A 55 -9.05 4.68 -36.25
C TYR A 55 -8.54 3.32 -35.74
N GLY A 56 -8.56 3.13 -34.42
CA GLY A 56 -8.21 1.84 -33.85
C GLY A 56 -6.76 1.66 -33.48
N GLY A 57 -5.93 2.66 -33.79
CA GLY A 57 -4.51 2.55 -33.52
C GLY A 57 -4.22 2.44 -32.02
N ALA A 58 -3.28 1.58 -31.66
CA ALA A 58 -2.82 1.54 -30.26
C ALA A 58 -1.32 1.81 -30.14
N SER A 59 -0.92 2.48 -29.07
CA SER A 59 0.49 2.77 -28.82
C SER A 59 0.85 2.19 -27.48
N TYR A 60 2.08 1.68 -27.35
CA TYR A 60 2.48 0.97 -26.15
C TYR A 60 3.77 1.48 -25.54
N ASN A 61 3.78 1.54 -24.23
CA ASN A 61 5.02 1.58 -23.47
C ASN A 61 5.80 0.32 -23.87
N GLN A 62 7.06 0.48 -24.29
CA GLN A 62 7.79 -0.66 -24.84
C GLN A 62 7.86 -1.80 -23.84
N LYS A 63 7.84 -1.47 -22.56
CA LYS A 63 7.91 -2.50 -21.51
C LYS A 63 6.72 -3.45 -21.55
N PHE A 64 5.60 -2.99 -22.12
CA PHE A 64 4.38 -3.80 -22.09
C PHE A 64 4.05 -4.41 -23.44
N LYS A 65 4.93 -4.21 -24.42
CA LYS A 65 4.75 -4.89 -25.71
C LYS A 65 4.95 -6.39 -25.52
N GLY A 66 3.95 -7.17 -25.91
CA GLY A 66 3.99 -8.59 -25.70
C GLY A 66 3.33 -8.98 -24.39
N LYS A 67 3.01 -7.99 -23.56
CA LYS A 67 2.31 -8.25 -22.29
C LYS A 67 0.85 -7.79 -22.37
N ALA A 68 0.65 -6.53 -22.75
CA ALA A 68 -0.69 -5.95 -22.83
C ALA A 68 -1.18 -5.84 -24.28
N THR A 69 -2.46 -6.14 -24.49
CA THR A 69 -3.11 -5.86 -25.78
C THR A 69 -4.36 -5.03 -25.58
N LEU A 70 -4.42 -3.88 -26.25
CA LEU A 70 -5.55 -2.98 -26.11
C LEU A 70 -6.49 -3.15 -27.30
N THR A 71 -7.79 -3.15 -27.01
CA THR A 71 -8.83 -3.16 -28.05
C THR A 71 -10.01 -2.30 -27.61
N VAL A 72 -10.92 -2.00 -28.54
CA VAL A 72 -12.19 -1.37 -28.16
C VAL A 72 -13.35 -2.13 -28.77
N ASP A 73 -14.53 -1.97 -28.20
CA ASP A 73 -15.78 -2.56 -28.73
C ASP A 73 -16.82 -1.46 -28.82
N LYS A 74 -17.16 -1.07 -30.04
CA LYS A 74 -18.07 0.06 -30.23
C LYS A 74 -19.52 -0.34 -30.03
N SER A 75 -19.80 -1.64 -29.93
CA SER A 75 -21.16 -2.10 -29.65
C SER A 75 -21.53 -1.81 -28.20
N SER A 76 -20.52 -1.59 -27.36
CA SER A 76 -20.77 -1.43 -25.94
C SER A 76 -19.97 -0.26 -25.37
N THR A 77 -19.35 0.50 -26.27
CA THR A 77 -18.43 1.61 -25.98
C THR A 77 -17.53 1.25 -24.81
N THR A 78 -16.87 0.10 -24.96
CA THR A 78 -16.01 -0.43 -23.92
C THR A 78 -14.57 -0.55 -24.42
N ALA A 79 -13.61 -0.20 -23.57
CA ALA A 79 -12.20 -0.41 -23.87
C ALA A 79 -11.74 -1.65 -23.12
N TYR A 80 -10.90 -2.47 -23.75
CA TYR A 80 -10.43 -3.71 -23.13
C TYR A 80 -8.91 -3.76 -23.05
N MET A 81 -8.39 -4.35 -21.98
CA MET A 81 -6.97 -4.66 -21.92
C MET A 81 -6.80 -6.11 -21.56
N GLN A 82 -6.09 -6.83 -22.43
CA GLN A 82 -5.71 -8.19 -22.14
C GLN A 82 -4.26 -8.26 -21.66
N LEU A 83 -4.04 -8.96 -20.54
CA LEU A 83 -2.70 -9.22 -20.02
C LEU A 83 -2.40 -10.70 -20.18
N GLN A 84 -1.31 -11.02 -20.87
CA GLN A 84 -1.03 -12.42 -21.17
C GLN A 84 0.14 -12.94 -20.37
N SER A 85 0.24 -14.27 -20.31
CA SER A 85 1.32 -14.99 -19.62
C SER A 85 1.64 -14.39 -18.25
N LEU A 86 0.64 -14.37 -17.38
CA LEU A 86 0.75 -13.65 -16.11
C LEU A 86 1.92 -14.11 -15.22
N THR A 87 2.63 -13.15 -14.63
CA THR A 87 3.60 -13.46 -13.59
C THR A 87 3.27 -12.66 -12.35
N SER A 88 3.98 -12.94 -11.26
CA SER A 88 3.78 -12.17 -10.04
C SER A 88 4.02 -10.67 -10.25
N GLU A 89 4.80 -10.30 -11.27
CA GLU A 89 5.09 -8.88 -11.55
C GLU A 89 3.83 -8.15 -12.00
N ASP A 90 2.85 -8.91 -12.48
CA ASP A 90 1.62 -8.36 -13.04
C ASP A 90 0.52 -8.10 -12.00
N SER A 91 0.72 -8.56 -10.76
CA SER A 91 -0.25 -8.24 -9.71
C SER A 91 -0.23 -6.75 -9.43
N ALA A 92 -1.34 -6.07 -9.71
CA ALA A 92 -1.39 -4.62 -9.57
C ALA A 92 -2.82 -4.13 -9.68
N VAL A 93 -3.03 -2.83 -9.48
CA VAL A 93 -4.29 -2.21 -9.85
C VAL A 93 -4.13 -1.58 -11.24
N TYR A 94 -5.11 -1.77 -12.10
CA TYR A 94 -5.03 -1.22 -13.45
C TYR A 94 -6.13 -0.19 -13.65
N TYR A 95 -5.76 1.01 -14.07
CA TYR A 95 -6.72 2.07 -14.34
C TYR A 95 -6.90 2.30 -15.83
N CYS A 96 -8.14 2.55 -16.27
CA CYS A 96 -8.32 3.19 -17.57
C CYS A 96 -8.50 4.69 -17.32
N ALA A 97 -8.04 5.51 -18.26
CA ALA A 97 -8.15 6.95 -18.13
C ALA A 97 -8.35 7.58 -19.50
N ARG A 98 -9.26 8.53 -19.57
CA ARG A 98 -9.56 9.22 -20.82
C ARG A 98 -8.54 10.32 -21.05
N GLY A 99 -7.94 10.38 -22.23
CA GLY A 99 -6.98 11.43 -22.52
C GLY A 99 -7.67 12.58 -23.21
N GLY A 100 -7.23 13.81 -22.96
CA GLY A 100 -7.70 14.98 -23.68
C GLY A 100 -6.57 15.61 -24.48
N TYR A 101 -6.78 15.75 -25.79
CA TYR A 101 -5.79 16.35 -26.68
C TYR A 101 -4.44 15.66 -26.65
N GLY A 102 -4.42 14.38 -26.29
CA GLY A 102 -3.17 13.66 -26.19
C GLY A 102 -2.32 14.14 -25.03
N ARG A 103 -2.86 14.98 -24.16
CA ARG A 103 -2.07 15.54 -23.05
C ARG A 103 -2.41 14.96 -21.67
N TYR A 104 -3.46 15.45 -21.04
CA TYR A 104 -3.80 15.05 -19.68
C TYR A 104 -4.88 13.97 -19.64
N PHE A 105 -5.02 13.33 -18.49
CA PHE A 105 -6.04 12.29 -18.28
C PHE A 105 -7.18 12.87 -17.44
N ASP A 106 -8.32 13.18 -18.04
CA ASP A 106 -9.29 13.98 -17.30
C ASP A 106 -10.35 13.15 -16.58
N VAL A 107 -10.55 11.90 -17.00
CA VAL A 107 -11.49 11.02 -16.31
C VAL A 107 -10.84 9.66 -16.07
N TRP A 108 -10.91 9.19 -14.84
CA TRP A 108 -10.27 7.93 -14.46
C TRP A 108 -11.30 6.90 -14.03
N GLY A 109 -11.10 5.64 -14.40
CA GLY A 109 -11.91 4.58 -13.83
C GLY A 109 -11.49 4.30 -12.39
N ALA A 110 -12.26 3.46 -11.70
CA ALA A 110 -12.04 3.13 -10.28
C ALA A 110 -10.87 2.17 -10.07
N GLY A 111 -10.41 1.57 -11.16
CA GLY A 111 -9.30 0.65 -11.12
C GLY A 111 -9.77 -0.79 -11.00
N THR A 112 -9.02 -1.70 -11.61
CA THR A 112 -9.29 -3.14 -11.48
C THR A 112 -8.09 -3.85 -10.86
N ALA A 113 -8.33 -4.53 -9.74
CA ALA A 113 -7.28 -5.30 -9.09
C ALA A 113 -7.07 -6.62 -9.82
N VAL A 114 -5.81 -6.94 -10.10
CA VAL A 114 -5.42 -8.23 -10.66
C VAL A 114 -4.39 -8.85 -9.74
N THR A 115 -4.64 -10.07 -9.30
CA THR A 115 -3.72 -10.75 -8.38
C THR A 115 -3.32 -12.10 -8.97
N VAL A 116 -2.02 -12.33 -9.08
CA VAL A 116 -1.53 -13.56 -9.69
C VAL A 116 -1.08 -14.54 -8.62
N SER A 117 -1.69 -15.72 -8.60
CA SER A 117 -1.37 -16.73 -7.62
C SER A 117 -1.84 -18.11 -8.06
N VAL A 118 -1.06 -19.13 -7.73
CA VAL A 118 -1.45 -20.52 -8.00
C VAL A 118 -2.44 -21.03 -6.97
N ALA A 119 -2.66 -20.25 -5.92
CA ALA A 119 -3.54 -20.68 -4.84
C ALA A 119 -5.02 -20.52 -5.18
N LYS A 120 -5.81 -21.51 -4.78
CA LYS A 120 -7.26 -21.36 -4.75
C LYS A 120 -7.66 -20.72 -3.44
N THR A 121 -8.96 -20.50 -3.25
CA THR A 121 -9.46 -19.99 -1.98
C THR A 121 -8.95 -20.87 -0.83
N THR A 122 -8.38 -20.20 0.17
CA THR A 122 -7.70 -20.89 1.28
C THR A 122 -7.97 -20.10 2.55
N PRO A 123 -8.45 -20.76 3.63
CA PRO A 123 -8.74 -20.05 4.87
C PRO A 123 -7.45 -19.77 5.64
N PRO A 124 -7.46 -18.73 6.48
CA PRO A 124 -6.29 -18.35 7.26
C PRO A 124 -6.01 -19.27 8.45
N SER A 125 -4.74 -19.43 8.76
CA SER A 125 -4.37 -19.96 10.07
C SER A 125 -4.28 -18.72 10.97
N VAL A 126 -4.85 -18.81 12.16
CA VAL A 126 -4.87 -17.65 13.05
C VAL A 126 -4.08 -17.98 14.28
N TYR A 127 -3.02 -17.22 14.49
CA TYR A 127 -2.08 -17.48 15.59
C TYR A 127 -2.10 -16.35 16.61
N PRO A 128 -2.18 -16.69 17.90
CA PRO A 128 -2.13 -15.67 18.96
C PRO A 128 -0.71 -15.14 19.13
N LEU A 129 -0.60 -13.84 19.40
CA LEU A 129 0.68 -13.21 19.69
C LEU A 129 0.61 -12.70 21.12
N ALA A 130 1.19 -13.47 22.02
CA ALA A 130 1.26 -13.12 23.43
C ALA A 130 2.72 -12.98 23.84
N PRO A 131 3.00 -12.03 24.74
CA PRO A 131 4.40 -11.83 25.14
C PRO A 131 4.97 -13.05 25.86
N GLY A 132 6.28 -13.22 25.77
CA GLY A 132 6.95 -14.29 26.49
C GLY A 132 6.92 -14.04 27.97
N CYS A 133 7.29 -15.06 28.75
CA CYS A 133 7.26 -14.95 30.21
C CYS A 133 8.15 -13.80 30.67
N GLY A 134 7.62 -12.97 31.57
CA GLY A 134 8.36 -11.87 32.16
C GLY A 134 8.47 -10.61 31.30
N ASP A 135 7.83 -10.60 30.14
CA ASP A 135 8.04 -9.51 29.20
C ASP A 135 7.31 -8.23 29.61
N THR A 136 6.22 -8.36 30.36
CA THR A 136 5.39 -7.19 30.65
C THR A 136 5.90 -6.40 31.86
N THR A 137 6.76 -5.43 31.59
CA THR A 137 7.52 -4.75 32.64
C THR A 137 6.87 -3.47 33.13
N GLY A 138 5.88 -3.00 32.39
CA GLY A 138 5.32 -1.69 32.66
C GLY A 138 3.80 -1.68 32.69
N SER A 139 3.22 -0.55 32.30
CA SER A 139 1.81 -0.28 32.52
C SER A 139 0.87 -0.73 31.39
N SER A 140 1.46 -1.07 30.25
CA SER A 140 0.66 -1.51 29.11
C SER A 140 1.08 -2.91 28.69
N VAL A 141 0.22 -3.58 27.92
CA VAL A 141 0.64 -4.81 27.29
C VAL A 141 0.07 -4.83 25.87
N THR A 142 0.93 -5.13 24.91
CA THR A 142 0.51 -5.23 23.52
C THR A 142 0.32 -6.69 23.14
N LEU A 143 -0.76 -6.98 22.42
CA LEU A 143 -1.08 -8.34 22.03
C LEU A 143 -1.32 -8.32 20.54
N GLY A 144 -1.29 -9.47 19.90
CA GLY A 144 -1.60 -9.47 18.49
C GLY A 144 -2.18 -10.77 17.98
N CYS A 145 -2.59 -10.73 16.73
CA CYS A 145 -2.94 -11.96 16.03
C CYS A 145 -2.27 -11.96 14.67
N LEU A 146 -1.65 -13.09 14.35
CA LEU A 146 -1.01 -13.32 13.08
C LEU A 146 -1.96 -14.15 12.23
N VAL A 147 -2.36 -13.60 11.08
CA VAL A 147 -3.35 -14.22 10.19
C VAL A 147 -2.62 -14.62 8.92
N LYS A 148 -2.45 -15.93 8.72
CA LYS A 148 -1.41 -16.43 7.82
C LYS A 148 -1.90 -17.47 6.82
N GLY A 149 -1.39 -17.38 5.59
CA GLY A 149 -1.60 -18.41 4.59
C GLY A 149 -2.99 -18.47 4.01
N TYR A 150 -3.63 -17.31 3.85
CA TYR A 150 -4.97 -17.28 3.25
C TYR A 150 -4.97 -16.71 1.84
N PHE A 151 -6.06 -16.96 1.12
CA PHE A 151 -6.23 -16.40 -0.22
C PHE A 151 -7.71 -16.41 -0.52
N PRO A 152 -8.25 -15.33 -1.15
CA PRO A 152 -7.65 -14.05 -1.49
C PRO A 152 -7.85 -13.04 -0.38
N GLU A 153 -7.52 -11.78 -0.65
CA GLU A 153 -7.93 -10.68 0.24
C GLU A 153 -9.46 -10.59 0.21
N SER A 154 -10.11 -10.04 1.23
CA SER A 154 -9.47 -9.51 2.45
C SER A 154 -9.92 -10.25 3.70
N VAL A 155 -9.29 -9.91 4.81
CA VAL A 155 -9.74 -10.37 6.11
C VAL A 155 -10.07 -9.14 6.95
N THR A 156 -10.88 -9.33 7.98
CA THR A 156 -11.02 -8.32 9.02
C THR A 156 -10.60 -8.94 10.34
N VAL A 157 -9.98 -8.13 11.20
CA VAL A 157 -9.61 -8.58 12.52
C VAL A 157 -10.20 -7.59 13.50
N THR A 158 -11.00 -8.14 14.41
CA THR A 158 -11.74 -7.36 15.39
C THR A 158 -11.32 -7.78 16.79
N TRP A 159 -11.15 -6.82 17.69
CA TRP A 159 -10.72 -7.11 19.05
C TRP A 159 -11.83 -6.93 20.07
N ASN A 160 -12.06 -7.97 20.87
CA ASN A 160 -13.17 -8.02 21.83
C ASN A 160 -14.48 -7.52 21.22
N SER A 161 -14.77 -8.02 20.03
CA SER A 161 -15.95 -7.63 19.26
C SER A 161 -16.05 -6.12 19.05
N GLY A 162 -14.91 -5.46 18.89
CA GLY A 162 -14.89 -4.06 18.46
C GLY A 162 -14.78 -3.08 19.60
N SER A 163 -14.72 -3.59 20.82
CA SER A 163 -14.68 -2.75 22.00
C SER A 163 -13.35 -2.05 22.21
N LEU A 164 -12.28 -2.58 21.61
CA LEU A 164 -10.94 -2.09 21.91
C LEU A 164 -10.30 -1.26 20.78
N SER A 165 -11.12 -0.80 19.83
CA SER A 165 -10.64 -0.23 18.57
C SER A 165 -9.62 0.91 18.66
N SER A 166 -9.69 1.76 19.69
CA SER A 166 -8.85 2.96 19.71
C SER A 166 -7.34 2.69 19.81
N SER A 167 -6.97 1.51 20.30
CA SER A 167 -5.56 1.15 20.42
C SER A 167 -5.17 0.02 19.44
N VAL A 168 -5.96 -0.15 18.38
CA VAL A 168 -5.70 -1.24 17.44
C VAL A 168 -4.95 -0.75 16.20
N HIS A 169 -3.99 -1.55 15.73
CA HIS A 169 -3.33 -1.30 14.43
C HIS A 169 -3.55 -2.51 13.53
N THR A 170 -3.96 -2.26 12.29
CA THR A 170 -4.14 -3.32 11.30
C THR A 170 -3.06 -3.20 10.24
N PHE A 171 -2.22 -4.22 10.10
CA PHE A 171 -1.10 -4.11 9.17
C PHE A 171 -1.46 -4.72 7.83
N PRO A 172 -1.18 -3.99 6.74
CA PRO A 172 -1.54 -4.44 5.38
C PRO A 172 -0.96 -5.81 5.06
N ALA A 173 -1.75 -6.63 4.38
CA ALA A 173 -1.32 -7.98 4.05
C ALA A 173 -0.17 -7.97 3.05
N LEU A 174 0.65 -9.01 3.10
CA LEU A 174 1.71 -9.22 2.12
C LEU A 174 1.47 -10.56 1.44
N LEU A 175 1.67 -10.58 0.13
CA LEU A 175 1.59 -11.80 -0.65
C LEU A 175 2.94 -12.45 -0.80
N GLN A 176 3.06 -13.69 -0.34
CA GLN A 176 4.29 -14.47 -0.45
C GLN A 176 3.96 -15.91 -0.87
N SER A 177 4.60 -16.36 -1.94
CA SER A 177 4.35 -17.69 -2.52
C SER A 177 2.85 -17.93 -2.72
N GLY A 178 2.16 -16.89 -3.16
CA GLY A 178 0.77 -17.02 -3.55
C GLY A 178 -0.23 -16.96 -2.42
N LEU A 179 0.24 -16.82 -1.18
CA LEU A 179 -0.68 -16.72 -0.05
C LEU A 179 -0.41 -15.42 0.74
N TYR A 180 -1.46 -14.91 1.38
CA TYR A 180 -1.34 -13.67 2.16
C TYR A 180 -1.06 -13.92 3.63
N THR A 181 -0.35 -12.96 4.23
CA THR A 181 -0.19 -12.94 5.67
C THR A 181 -0.38 -11.51 6.14
N MET A 182 -1.12 -11.34 7.24
CA MET A 182 -1.25 -10.02 7.85
C MET A 182 -1.22 -10.19 9.36
N SER A 183 -1.13 -9.08 10.07
CA SER A 183 -1.20 -9.08 11.52
C SER A 183 -1.97 -7.87 12.02
N SER A 184 -2.36 -7.94 13.28
CA SER A 184 -3.09 -6.89 13.95
C SER A 184 -2.59 -6.81 15.39
N SER A 185 -2.46 -5.60 15.92
CA SER A 185 -2.04 -5.47 17.30
C SER A 185 -3.08 -4.71 18.10
N VAL A 186 -3.06 -4.92 19.41
CA VAL A 186 -3.92 -4.20 20.31
C VAL A 186 -3.13 -3.93 21.57
N THR A 187 -3.35 -2.79 22.19
CA THR A 187 -2.69 -2.49 23.44
C THR A 187 -3.74 -2.19 24.52
N VAL A 188 -3.59 -2.85 25.67
CA VAL A 188 -4.46 -2.63 26.82
C VAL A 188 -3.60 -2.40 28.08
N PRO A 189 -4.20 -1.87 29.15
CA PRO A 189 -3.37 -1.73 30.37
C PRO A 189 -2.95 -3.09 30.91
N SER A 190 -1.74 -3.19 31.45
CA SER A 190 -1.25 -4.49 31.89
C SER A 190 -2.06 -4.99 33.09
N SER A 191 -2.77 -4.08 33.75
CA SER A 191 -3.65 -4.47 34.86
C SER A 191 -4.93 -5.14 34.36
N THR A 192 -5.17 -5.12 33.05
CA THR A 192 -6.38 -5.74 32.52
C THR A 192 -6.11 -7.02 31.70
N TRP A 193 -4.85 -7.30 31.38
CA TRP A 193 -4.48 -8.56 30.75
C TRP A 193 -3.17 -9.06 31.35
N PRO A 194 -3.13 -10.37 31.69
CA PRO A 194 -4.12 -11.38 31.33
C PRO A 194 -5.24 -11.59 32.34
N SER A 195 -5.39 -10.70 33.31
CA SER A 195 -6.45 -10.84 34.31
C SER A 195 -7.83 -10.89 33.65
N GLN A 196 -8.00 -10.20 32.51
CA GLN A 196 -9.24 -10.27 31.72
C GLN A 196 -8.94 -10.89 30.36
N THR A 197 -9.98 -11.34 29.70
CA THR A 197 -9.81 -12.04 28.43
C THR A 197 -9.79 -11.05 27.26
N VAL A 198 -8.87 -11.29 26.33
CA VAL A 198 -8.81 -10.55 25.08
C VAL A 198 -8.88 -11.56 23.93
N THR A 199 -9.76 -11.31 22.97
CA THR A 199 -9.99 -12.23 21.85
C THR A 199 -9.92 -11.48 20.53
N CYS A 200 -9.19 -12.03 19.56
CA CYS A 200 -9.24 -11.44 18.23
C CYS A 200 -10.18 -12.29 17.40
N SER A 201 -11.06 -11.61 16.66
CA SER A 201 -12.02 -12.29 15.78
C SER A 201 -11.61 -12.04 14.36
N VAL A 202 -11.30 -13.12 13.65
CA VAL A 202 -10.82 -13.00 12.29
C VAL A 202 -11.89 -13.55 11.34
N ALA A 203 -12.29 -12.71 10.40
CA ALA A 203 -13.27 -13.09 9.38
C ALA A 203 -12.61 -13.11 8.01
N HIS A 204 -12.85 -14.18 7.26
CA HIS A 204 -12.36 -14.31 5.89
C HIS A 204 -13.53 -14.76 5.05
N PRO A 205 -14.27 -13.78 4.51
CA PRO A 205 -15.52 -14.04 3.79
C PRO A 205 -15.37 -15.03 2.65
N ALA A 206 -14.28 -14.93 1.87
CA ALA A 206 -14.11 -15.79 0.70
C ALA A 206 -14.11 -17.27 1.06
N SER A 207 -13.62 -17.62 2.24
CA SER A 207 -13.60 -19.02 2.65
C SER A 207 -14.68 -19.32 3.69
N SER A 208 -15.57 -18.37 3.91
CA SER A 208 -16.64 -18.49 4.90
C SER A 208 -16.11 -18.74 6.29
N THR A 209 -14.93 -18.22 6.59
CA THR A 209 -14.24 -18.53 7.84
C THR A 209 -14.41 -17.41 8.87
N THR A 210 -14.72 -17.79 10.10
CA THR A 210 -14.63 -16.89 11.24
C THR A 210 -13.89 -17.65 12.33
N VAL A 211 -12.84 -17.04 12.87
CA VAL A 211 -12.03 -17.67 13.89
C VAL A 211 -11.92 -16.72 15.07
N ASP A 212 -12.27 -17.21 16.27
CA ASP A 212 -12.06 -16.43 17.47
C ASP A 212 -10.89 -17.06 18.20
N LYS A 213 -9.86 -16.26 18.50
CA LYS A 213 -8.71 -16.80 19.21
C LYS A 213 -8.51 -16.03 20.50
N LYS A 214 -8.59 -16.72 21.62
CA LYS A 214 -8.29 -16.09 22.90
C LYS A 214 -6.78 -15.97 23.09
N LEU A 215 -6.37 -14.82 23.61
CA LEU A 215 -4.96 -14.58 23.91
C LEU A 215 -4.62 -15.17 25.26
N GLU A 216 -3.70 -16.14 25.29
CA GLU A 216 -3.29 -16.80 26.53
C GLU A 216 -1.89 -16.41 26.98
N PRO A 217 -1.71 -16.15 28.30
CA PRO A 217 -0.45 -15.68 28.89
C PRO A 217 0.76 -16.54 28.50
N GLN B 1 10.14 8.14 -22.59
CA GLN B 1 11.56 8.50 -22.51
C GLN B 1 11.92 9.55 -21.47
N ILE B 2 11.17 10.65 -21.43
CA ILE B 2 11.51 11.74 -20.54
C ILE B 2 11.19 11.30 -19.13
N VAL B 3 12.21 11.36 -18.28
CA VAL B 3 12.08 10.93 -16.90
C VAL B 3 11.67 12.09 -16.01
N LEU B 4 10.57 11.90 -15.29
CA LEU B 4 10.10 12.85 -14.29
C LEU B 4 10.55 12.46 -12.89
N THR B 5 11.15 13.41 -12.17
CA THR B 5 11.63 13.16 -10.83
C THR B 5 10.93 14.04 -9.81
N GLN B 6 10.24 13.40 -8.87
CA GLN B 6 9.65 14.12 -7.76
C GLN B 6 10.43 13.87 -6.45
N SER B 7 11.00 14.94 -5.91
CA SER B 7 11.69 14.88 -4.61
C SER B 7 11.25 16.03 -3.70
N PRO B 8 11.07 15.74 -2.41
CA PRO B 8 11.13 14.43 -1.75
C PRO B 8 9.92 13.59 -2.08
N ALA B 9 10.00 12.29 -1.81
CA ALA B 9 8.88 11.38 -2.02
C ALA B 9 7.88 11.55 -0.89
N THR B 10 8.36 12.10 0.22
CA THR B 10 7.47 12.41 1.32
C THR B 10 7.75 13.82 1.82
N MET B 11 6.68 14.59 1.96
CA MET B 11 6.82 15.96 2.41
C MET B 11 5.92 16.19 3.60
N SER B 12 6.43 16.89 4.60
CA SER B 12 5.66 17.13 5.80
C SER B 12 5.18 18.58 5.82
N ALA B 13 3.96 18.81 6.30
CA ALA B 13 3.48 20.17 6.48
C ALA B 13 2.32 20.23 7.45
N SER B 14 2.12 21.40 8.04
CA SER B 14 1.02 21.59 8.97
C SER B 14 -0.05 22.46 8.33
N PRO B 15 -1.33 22.26 8.72
CA PRO B 15 -2.41 23.10 8.21
C PRO B 15 -2.11 24.58 8.40
N GLY B 16 -2.24 25.36 7.33
CA GLY B 16 -1.89 26.77 7.36
C GLY B 16 -0.61 27.10 6.62
N MET B 17 0.29 26.13 6.50
CA MET B 17 1.58 26.34 5.85
C MET B 17 1.45 26.40 4.34
N LYS B 18 2.28 27.22 3.71
CA LYS B 18 2.44 27.15 2.26
C LYS B 18 3.19 25.87 1.95
N VAL B 19 2.75 25.16 0.91
CA VAL B 19 3.45 23.95 0.48
C VAL B 19 3.80 24.04 -0.99
N THR B 20 5.05 23.72 -1.33
CA THR B 20 5.50 23.66 -2.71
C THR B 20 6.22 22.35 -3.03
N MET B 21 5.72 21.58 -3.98
CA MET B 21 6.47 20.40 -4.38
C MET B 21 6.89 20.49 -5.84
N THR B 22 8.02 19.87 -6.14
CA THR B 22 8.66 20.04 -7.42
C THR B 22 8.70 18.75 -8.24
N CYS B 23 8.58 18.91 -9.55
CA CYS B 23 8.76 17.83 -10.51
C CYS B 23 9.74 18.31 -11.58
N SER B 24 10.84 17.59 -11.77
CA SER B 24 11.79 18.02 -12.79
C SER B 24 11.94 16.96 -13.88
N ALA B 25 12.08 17.42 -15.11
CA ALA B 25 12.14 16.56 -16.28
C ALA B 25 13.56 16.48 -16.81
N SER B 26 13.91 15.31 -17.35
CA SER B 26 15.24 15.04 -17.88
C SER B 26 15.48 15.81 -19.18
N SER B 27 14.40 16.30 -19.78
CA SER B 27 14.47 17.13 -20.98
C SER B 27 13.29 18.11 -20.97
N SER B 28 13.44 19.23 -21.66
CA SER B 28 12.41 20.28 -21.66
C SER B 28 11.05 19.76 -22.15
N ILE B 29 9.99 20.20 -21.49
CA ILE B 29 8.63 19.81 -21.84
C ILE B 29 7.73 21.02 -21.93
N SER B 30 6.59 20.85 -22.59
CA SER B 30 5.69 21.97 -22.88
C SER B 30 4.63 22.22 -21.80
N TYR B 31 4.18 21.16 -21.15
CA TYR B 31 3.18 21.24 -20.09
C TYR B 31 3.46 20.21 -19.01
N MET B 32 3.00 20.48 -17.81
CA MET B 32 2.96 19.44 -16.77
C MET B 32 1.54 19.28 -16.25
N HIS B 33 1.16 18.04 -15.97
CA HIS B 33 -0.14 17.73 -15.38
C HIS B 33 0.06 17.08 -14.02
N TRP B 34 -0.91 17.26 -13.13
CA TRP B 34 -0.80 16.73 -11.78
C TRP B 34 -2.07 16.02 -11.37
N TYR B 35 -1.92 14.87 -10.71
CA TYR B 35 -3.04 14.11 -10.18
C TYR B 35 -2.91 13.98 -8.67
N GLN B 36 -4.04 14.03 -7.98
CA GLN B 36 -4.05 13.73 -6.56
C GLN B 36 -4.61 12.33 -6.33
N GLN B 37 -3.99 11.56 -5.43
CA GLN B 37 -4.49 10.25 -5.11
C GLN B 37 -4.50 10.02 -3.60
N LYS B 38 -5.55 9.39 -3.11
CA LYS B 38 -5.62 9.02 -1.71
C LYS B 38 -5.77 7.51 -1.59
N PRO B 39 -5.34 6.92 -0.46
CA PRO B 39 -5.47 5.46 -0.33
C PRO B 39 -6.88 4.96 -0.66
N GLY B 40 -6.98 3.91 -1.46
CA GLY B 40 -8.25 3.31 -1.82
C GLY B 40 -8.98 3.98 -2.96
N THR B 41 -8.42 5.09 -3.46
CA THR B 41 -9.08 5.84 -4.53
C THR B 41 -8.21 5.88 -5.79
N SER B 42 -8.84 6.12 -6.93
CA SER B 42 -8.10 6.36 -8.16
C SER B 42 -7.44 7.74 -8.14
N PRO B 43 -6.46 7.96 -9.00
CA PRO B 43 -5.96 9.32 -9.20
C PRO B 43 -7.05 10.23 -9.75
N LYS B 44 -6.96 11.52 -9.41
CA LYS B 44 -7.86 12.53 -9.92
C LYS B 44 -7.10 13.64 -10.59
N ARG B 45 -7.55 14.06 -11.77
CA ARG B 45 -6.90 15.21 -12.40
C ARG B 45 -7.00 16.40 -11.46
N TRP B 46 -5.88 17.08 -11.23
CA TRP B 46 -5.82 18.09 -10.20
C TRP B 46 -5.45 19.43 -10.81
N ILE B 47 -4.25 19.49 -11.38
CA ILE B 47 -3.80 20.63 -12.19
C ILE B 47 -3.45 20.11 -13.58
N TYR B 48 -3.86 20.83 -14.62
CA TYR B 48 -3.47 20.37 -15.96
C TYR B 48 -3.00 21.54 -16.82
N ASP B 49 -2.26 21.23 -17.88
CA ASP B 49 -1.67 22.24 -18.75
C ASP B 49 -0.92 23.28 -17.89
N THR B 50 -0.15 22.73 -16.96
CA THR B 50 0.75 23.44 -16.05
C THR B 50 0.05 24.25 -14.95
N SER B 51 -0.96 25.02 -15.31
CA SER B 51 -1.54 25.94 -14.33
C SER B 51 -3.06 25.95 -14.25
N LYS B 52 -3.75 25.10 -15.02
CA LYS B 52 -5.21 25.08 -14.97
C LYS B 52 -5.75 24.14 -13.89
N LEU B 53 -6.71 24.63 -13.11
CA LEU B 53 -7.35 23.82 -12.06
C LEU B 53 -8.53 23.01 -12.62
N ALA B 54 -8.56 21.72 -12.33
CA ALA B 54 -9.72 20.90 -12.68
C ALA B 54 -10.94 21.36 -11.89
N SER B 55 -12.13 21.06 -12.39
CA SER B 55 -13.34 21.48 -11.70
C SER B 55 -13.42 20.81 -10.32
N GLY B 56 -13.64 21.63 -9.28
CA GLY B 56 -13.78 21.08 -7.94
C GLY B 56 -12.49 21.11 -7.15
N VAL B 57 -11.41 21.58 -7.77
CA VAL B 57 -10.14 21.72 -7.06
C VAL B 57 -10.11 23.09 -6.38
N PRO B 58 -9.85 23.13 -5.06
CA PRO B 58 -9.78 24.38 -4.29
C PRO B 58 -8.76 25.35 -4.85
N ALA B 59 -9.09 26.65 -4.82
CA ALA B 59 -8.24 27.67 -5.40
C ALA B 59 -6.91 27.85 -4.65
N ARG B 60 -6.78 27.20 -3.50
CA ARG B 60 -5.53 27.27 -2.74
C ARG B 60 -4.45 26.47 -3.47
N PHE B 61 -4.85 25.66 -4.45
CA PHE B 61 -3.89 24.99 -5.31
C PHE B 61 -3.49 25.84 -6.50
N SER B 62 -2.22 25.78 -6.87
CA SER B 62 -1.76 26.41 -8.10
C SER B 62 -0.63 25.61 -8.72
N GLY B 63 -0.45 25.76 -10.02
CA GLY B 63 0.64 25.09 -10.71
C GLY B 63 1.49 26.07 -11.48
N SER B 64 2.79 25.76 -11.58
CA SER B 64 3.69 26.62 -12.35
C SER B 64 4.81 25.81 -12.97
N GLY B 65 5.61 26.46 -13.80
CA GLY B 65 6.85 25.87 -14.24
C GLY B 65 7.12 26.07 -15.71
N SER B 66 8.32 25.67 -16.12
CA SER B 66 8.75 25.87 -17.48
C SER B 66 10.00 25.05 -17.73
N GLY B 67 10.27 24.75 -18.99
CA GLY B 67 11.43 23.99 -19.38
C GLY B 67 11.48 22.64 -18.70
N THR B 68 12.42 22.48 -17.78
CA THR B 68 12.62 21.20 -17.12
C THR B 68 12.21 21.21 -15.65
N SER B 69 11.53 22.26 -15.21
CA SER B 69 11.21 22.41 -13.80
C SER B 69 9.80 22.93 -13.57
N TYR B 70 9.00 22.17 -12.83
CA TYR B 70 7.59 22.49 -12.61
C TYR B 70 7.22 22.27 -11.15
N SER B 71 6.11 22.88 -10.72
CA SER B 71 5.77 22.83 -9.33
C SER B 71 4.28 22.89 -9.11
N LEU B 72 3.85 22.30 -8.00
CA LEU B 72 2.49 22.37 -7.52
C LEU B 72 2.52 23.00 -6.14
N THR B 73 1.76 24.07 -5.95
CA THR B 73 1.80 24.77 -4.67
C THR B 73 0.42 24.82 -4.01
N ILE B 74 0.42 24.67 -2.69
CA ILE B 74 -0.76 24.94 -1.87
C ILE B 74 -0.49 26.22 -1.05
N SER B 75 -1.32 27.24 -1.21
CA SER B 75 -1.05 28.53 -0.54
C SER B 75 -1.14 28.40 0.96
N ASN B 76 -2.21 27.76 1.43
CA ASN B 76 -2.40 27.47 2.85
C ASN B 76 -2.96 26.06 2.98
N MET B 77 -2.13 25.14 3.47
CA MET B 77 -2.51 23.72 3.51
C MET B 77 -3.73 23.45 4.41
N GLU B 78 -4.61 22.57 3.94
CA GLU B 78 -5.65 22.01 4.78
C GLU B 78 -5.35 20.53 5.06
N SER B 79 -5.97 19.96 6.10
CA SER B 79 -5.73 18.56 6.46
C SER B 79 -6.11 17.61 5.34
N GLU B 80 -7.20 17.94 4.66
CA GLU B 80 -7.71 17.13 3.56
C GLU B 80 -6.76 17.11 2.35
N ASP B 81 -5.69 17.91 2.40
CA ASP B 81 -4.70 17.95 1.32
C ASP B 81 -3.63 16.89 1.44
N ALA B 82 -3.57 16.21 2.58
CA ALA B 82 -2.63 15.10 2.76
C ALA B 82 -3.03 13.94 1.84
N ALA B 83 -2.12 13.60 0.93
CA ALA B 83 -2.42 12.78 -0.23
C ALA B 83 -1.13 12.62 -1.02
N THR B 84 -1.14 11.76 -2.05
CA THR B 84 0.01 11.66 -2.93
C THR B 84 -0.27 12.44 -4.22
N TYR B 85 0.73 13.18 -4.70
CA TYR B 85 0.58 13.96 -5.92
C TYR B 85 1.56 13.48 -6.96
N TYR B 86 1.06 13.16 -8.16
CA TYR B 86 1.89 12.65 -9.26
C TYR B 86 1.96 13.67 -10.38
N CYS B 87 3.16 13.94 -10.91
CA CYS B 87 3.24 14.73 -12.14
C CYS B 87 3.23 13.82 -13.36
N HIS B 88 2.90 14.39 -14.50
CA HIS B 88 2.65 13.66 -15.74
C HIS B 88 2.97 14.57 -16.90
N GLN B 89 3.72 14.07 -17.88
CA GLN B 89 4.00 14.84 -19.10
C GLN B 89 3.78 13.95 -20.31
N ARG B 90 3.51 14.53 -21.47
CA ARG B 90 3.50 13.72 -22.69
C ARG B 90 4.33 14.41 -23.75
N SER B 91 5.31 13.69 -24.29
CA SER B 91 6.04 14.15 -25.46
C SER B 91 5.98 13.02 -26.49
N ARG B 92 7.03 12.22 -26.59
CA ARG B 92 6.91 11.02 -27.40
C ARG B 92 5.97 10.03 -26.72
N TYR B 93 6.12 9.90 -25.41
CA TYR B 93 5.30 9.00 -24.62
C TYR B 93 4.63 9.74 -23.47
N HIS B 94 3.60 9.12 -22.89
CA HIS B 94 3.13 9.52 -21.57
C HIS B 94 4.08 8.99 -20.49
N THR B 95 4.60 9.87 -19.63
CA THR B 95 5.38 9.41 -18.48
C THR B 95 4.92 10.09 -17.17
N PHE B 96 5.17 9.41 -16.05
CA PHE B 96 4.79 9.88 -14.71
C PHE B 96 6.00 10.04 -13.81
N GLY B 97 5.91 10.96 -12.86
CA GLY B 97 6.86 11.02 -11.76
C GLY B 97 6.55 9.96 -10.72
N GLY B 98 7.46 9.79 -9.76
CA GLY B 98 7.32 8.75 -8.75
C GLY B 98 6.38 9.09 -7.61
N GLY B 99 5.89 10.32 -7.60
CA GLY B 99 4.93 10.77 -6.62
C GLY B 99 5.57 11.41 -5.41
N THR B 100 4.91 12.43 -4.89
CA THR B 100 5.26 13.02 -3.61
C THR B 100 4.08 12.92 -2.67
N ARG B 101 4.24 12.22 -1.56
CA ARG B 101 3.15 12.16 -0.60
C ARG B 101 3.30 13.26 0.44
N LEU B 102 2.26 14.07 0.55
CA LEU B 102 2.19 15.11 1.57
C LEU B 102 1.62 14.50 2.84
N GLU B 103 2.41 14.51 3.91
CA GLU B 103 1.95 13.98 5.20
C GLU B 103 1.69 15.12 6.20
N ILE B 104 0.92 14.81 7.23
CA ILE B 104 0.66 15.77 8.30
C ILE B 104 1.86 15.84 9.24
N LYS B 105 2.40 17.04 9.46
CA LYS B 105 3.54 17.20 10.34
C LYS B 105 3.10 17.06 11.79
N ARG B 106 3.93 16.41 12.61
CA ARG B 106 3.68 16.31 14.04
C ARG B 106 5.01 16.17 14.73
N ALA B 107 5.01 16.21 16.06
CA ALA B 107 6.25 16.08 16.80
C ALA B 107 6.80 14.67 16.67
N ASP B 108 8.12 14.51 16.76
CA ASP B 108 8.69 13.16 16.72
C ASP B 108 8.13 12.34 17.88
N ALA B 109 8.14 11.02 17.71
CA ALA B 109 7.66 10.14 18.74
C ALA B 109 8.37 8.81 18.59
N ALA B 110 9.00 8.34 19.68
CA ALA B 110 9.69 7.05 19.64
C ALA B 110 8.71 5.90 19.56
N PRO B 111 9.09 4.81 18.87
CA PRO B 111 8.16 3.68 18.75
C PRO B 111 8.04 2.88 20.05
N THR B 112 6.87 2.33 20.27
CA THR B 112 6.68 1.33 21.32
C THR B 112 6.90 -0.04 20.67
N VAL B 113 7.89 -0.76 21.18
CA VAL B 113 8.33 -1.99 20.54
C VAL B 113 7.93 -3.21 21.37
N SER B 114 7.31 -4.18 20.70
CA SER B 114 6.86 -5.41 21.35
C SER B 114 7.34 -6.62 20.54
N ILE B 115 7.73 -7.70 21.22
CA ILE B 115 8.20 -8.90 20.52
C ILE B 115 7.41 -10.13 20.98
N PHE B 116 7.16 -11.06 20.06
CA PHE B 116 6.30 -12.19 20.35
C PHE B 116 6.91 -13.49 19.85
N PRO B 117 7.03 -14.49 20.73
CA PRO B 117 7.46 -15.82 20.29
C PRO B 117 6.40 -16.50 19.44
N PRO B 118 6.81 -17.50 18.65
CA PRO B 118 5.86 -18.34 17.92
C PRO B 118 4.87 -19.00 18.87
N SER B 119 3.61 -19.06 18.47
CA SER B 119 2.58 -19.72 19.25
C SER B 119 2.77 -21.23 19.17
N SER B 120 2.30 -21.94 20.20
CA SER B 120 2.35 -23.38 20.18
C SER B 120 1.55 -23.91 18.99
N GLU B 121 0.45 -23.23 18.67
CA GLU B 121 -0.37 -23.61 17.51
C GLU B 121 0.45 -23.66 16.23
N GLN B 122 1.21 -22.60 15.96
CA GLN B 122 2.04 -22.59 14.76
C GLN B 122 3.12 -23.66 14.81
N LEU B 123 3.73 -23.84 15.97
CA LEU B 123 4.83 -24.79 16.12
C LEU B 123 4.41 -26.21 15.75
N THR B 124 3.17 -26.58 16.10
CA THR B 124 2.67 -27.92 15.76
C THR B 124 2.58 -28.12 14.26
N SER B 125 2.72 -27.05 13.49
CA SER B 125 2.60 -27.12 12.05
C SER B 125 3.96 -27.17 11.35
N GLY B 126 5.04 -27.12 12.13
CA GLY B 126 6.40 -27.17 11.58
C GLY B 126 6.94 -25.79 11.25
N GLY B 127 6.17 -24.76 11.55
CA GLY B 127 6.59 -23.39 11.27
C GLY B 127 6.77 -22.55 12.52
N ALA B 128 7.44 -21.41 12.38
CA ALA B 128 7.76 -20.57 13.53
C ALA B 128 7.97 -19.11 13.13
N SER B 129 6.97 -18.27 13.38
CA SER B 129 7.08 -16.84 13.10
C SER B 129 7.34 -16.07 14.39
N VAL B 130 8.41 -15.27 14.39
CA VAL B 130 8.67 -14.35 15.49
C VAL B 130 8.25 -12.98 15.02
N VAL B 131 7.46 -12.27 15.82
CA VAL B 131 6.82 -11.04 15.36
C VAL B 131 7.24 -9.89 16.26
N CYS B 132 7.51 -8.74 15.63
CA CYS B 132 7.83 -7.50 16.34
C CYS B 132 6.87 -6.41 15.86
N PHE B 133 6.20 -5.73 16.80
CA PHE B 133 5.42 -4.54 16.50
C PHE B 133 6.18 -3.30 16.95
N LEU B 134 6.25 -2.31 16.08
CA LEU B 134 6.85 -1.04 16.39
C LEU B 134 5.77 -0.01 16.13
N ASN B 135 5.17 0.49 17.21
CA ASN B 135 3.92 1.22 17.09
C ASN B 135 4.00 2.68 17.48
N ASN B 136 3.24 3.50 16.75
CA ASN B 136 3.01 4.90 17.01
C ASN B 136 4.28 5.75 17.06
N PHE B 137 5.07 5.65 15.99
CA PHE B 137 6.27 6.46 15.88
C PHE B 137 6.15 7.52 14.78
N TYR B 138 7.02 8.52 14.88
CA TYR B 138 7.11 9.61 13.91
C TYR B 138 8.52 10.20 14.00
N PRO B 139 9.16 10.44 12.85
CA PRO B 139 8.66 10.24 11.48
C PRO B 139 8.66 8.77 11.04
N LYS B 140 8.29 8.53 9.79
CA LYS B 140 8.06 7.16 9.33
C LYS B 140 9.35 6.36 9.17
N ASP B 141 10.47 7.04 8.94
CA ASP B 141 11.75 6.38 8.74
C ASP B 141 12.19 5.57 9.96
N ILE B 142 12.40 4.27 9.76
CA ILE B 142 12.79 3.40 10.87
C ILE B 142 13.52 2.17 10.33
N ASN B 143 14.48 1.65 11.09
CA ASN B 143 15.16 0.45 10.66
C ASN B 143 15.04 -0.65 11.68
N VAL B 144 14.69 -1.85 11.24
CA VAL B 144 14.56 -2.97 12.13
C VAL B 144 15.55 -4.05 11.74
N LYS B 145 16.27 -4.54 12.73
CA LYS B 145 17.23 -5.60 12.53
C LYS B 145 16.85 -6.77 13.43
N TRP B 146 16.85 -7.99 12.88
CA TRP B 146 16.64 -9.18 13.69
C TRP B 146 17.97 -9.81 14.04
N LYS B 147 18.08 -10.28 15.28
CA LYS B 147 19.26 -11.00 15.72
C LYS B 147 18.84 -12.29 16.37
N ILE B 148 19.56 -13.35 16.05
CA ILE B 148 19.34 -14.63 16.68
C ILE B 148 20.62 -14.96 17.41
N ASP B 149 20.54 -15.09 18.73
CA ASP B 149 21.73 -15.29 19.56
C ASP B 149 22.81 -14.23 19.26
N GLY B 150 22.37 -13.00 19.06
CA GLY B 150 23.28 -11.87 18.89
C GLY B 150 23.78 -11.67 17.48
N SER B 151 23.47 -12.63 16.61
CA SER B 151 23.92 -12.59 15.23
C SER B 151 22.78 -12.12 14.32
N GLU B 152 23.09 -11.16 13.45
CA GLU B 152 22.05 -10.60 12.58
C GLU B 152 21.51 -11.63 11.61
N ARG B 153 20.19 -11.67 11.51
CA ARG B 153 19.52 -12.58 10.61
C ARG B 153 18.77 -11.79 9.54
N GLN B 154 19.15 -11.96 8.27
CA GLN B 154 18.49 -11.22 7.22
C GLN B 154 17.46 -11.99 6.35
N ASN B 155 17.57 -13.30 6.13
CA ASN B 155 16.52 -13.89 5.31
C ASN B 155 15.33 -14.24 6.17
N GLY B 156 14.16 -14.32 5.55
CA GLY B 156 12.97 -14.79 6.24
C GLY B 156 12.23 -13.68 6.96
N VAL B 157 12.63 -12.44 6.70
CA VAL B 157 11.99 -11.28 7.31
C VAL B 157 11.02 -10.61 6.34
N LEU B 158 9.80 -10.35 6.83
CA LEU B 158 8.81 -9.59 6.09
C LEU B 158 8.29 -8.45 6.95
N ASN B 159 8.11 -7.30 6.32
CA ASN B 159 7.77 -6.05 6.99
C ASN B 159 6.50 -5.44 6.42
N SER B 160 5.67 -4.87 7.28
CA SER B 160 4.45 -4.19 6.84
C SER B 160 4.28 -2.88 7.58
N TRP B 161 3.93 -1.83 6.84
CA TRP B 161 3.73 -0.51 7.41
C TRP B 161 2.31 -0.04 7.30
N THR B 162 1.79 0.58 8.36
CA THR B 162 0.48 1.20 8.25
C THR B 162 0.58 2.56 7.56
N ASP B 163 -0.57 3.06 7.10
CA ASP B 163 -0.64 4.43 6.61
C ASP B 163 -0.62 5.39 7.79
N GLN B 164 -0.25 6.65 7.55
CA GLN B 164 -0.29 7.64 8.63
C GLN B 164 -1.66 7.64 9.32
N ASP B 165 -1.64 7.62 10.65
CA ASP B 165 -2.85 7.52 11.43
C ASP B 165 -3.71 8.78 11.38
N SER B 166 -5.02 8.58 11.21
CA SER B 166 -5.99 9.67 11.10
C SER B 166 -6.02 10.54 12.33
N LYS B 167 -5.83 9.90 13.48
CA LYS B 167 -6.08 10.56 14.75
C LYS B 167 -4.83 11.12 15.44
N ASP B 168 -3.68 10.47 15.28
CA ASP B 168 -2.47 11.00 15.92
C ASP B 168 -1.30 11.20 14.96
N SER B 169 -1.53 10.94 13.67
CA SER B 169 -0.54 11.22 12.62
C SER B 169 0.77 10.43 12.74
N THR B 170 0.74 9.35 13.49
CA THR B 170 1.93 8.52 13.61
C THR B 170 1.88 7.37 12.62
N TYR B 171 2.97 6.59 12.61
CA TYR B 171 3.11 5.41 11.79
C TYR B 171 3.32 4.21 12.66
N SER B 172 3.00 3.02 12.16
CA SER B 172 3.32 1.80 12.87
C SER B 172 3.84 0.77 11.89
N MET B 173 4.50 -0.26 12.40
CA MET B 173 5.14 -1.24 11.54
C MET B 173 5.10 -2.61 12.21
N SER B 174 4.96 -3.66 11.40
CA SER B 174 5.02 -5.03 11.89
C SER B 174 6.17 -5.73 11.18
N SER B 175 6.97 -6.48 11.91
CA SER B 175 8.07 -7.20 11.29
C SER B 175 8.00 -8.63 11.73
N THR B 176 8.11 -9.56 10.79
CA THR B 176 7.99 -10.97 11.11
C THR B 176 9.18 -11.73 10.57
N LEU B 177 9.81 -12.49 11.44
CA LEU B 177 10.88 -13.40 11.06
C LEU B 177 10.31 -14.80 11.04
N THR B 178 10.22 -15.42 9.86
CA THR B 178 9.68 -16.76 9.79
C THR B 178 10.78 -17.80 9.55
N LEU B 179 10.82 -18.77 10.45
CA LEU B 179 11.77 -19.88 10.42
C LEU B 179 11.03 -21.19 10.35
N THR B 180 11.75 -22.28 10.12
CA THR B 180 11.19 -23.59 10.40
C THR B 180 11.15 -23.78 11.90
N LYS B 181 10.30 -24.69 12.36
CA LYS B 181 10.25 -25.02 13.78
C LYS B 181 11.58 -25.55 14.27
N ASP B 182 12.24 -26.37 13.45
CA ASP B 182 13.51 -26.94 13.87
C ASP B 182 14.59 -25.89 14.02
N GLU B 183 14.62 -24.91 13.12
CA GLU B 183 15.60 -23.84 13.19
C GLU B 183 15.33 -22.93 14.39
N TYR B 184 14.06 -22.60 14.60
CA TYR B 184 13.67 -21.78 15.75
C TYR B 184 14.10 -22.41 17.07
N GLU B 185 13.89 -23.72 17.19
CA GLU B 185 14.16 -24.37 18.47
C GLU B 185 15.66 -24.56 18.74
N ARG B 186 16.49 -24.31 17.73
CA ARG B 186 17.94 -24.46 17.86
C ARG B 186 18.63 -23.29 18.53
N HIS B 187 17.89 -22.21 18.74
CA HIS B 187 18.48 -21.00 19.31
C HIS B 187 17.70 -20.50 20.51
N ASN B 188 18.36 -19.77 21.38
CA ASN B 188 17.72 -19.32 22.61
C ASN B 188 17.21 -17.89 22.59
N SER B 189 17.97 -16.99 21.99
CA SER B 189 17.72 -15.56 22.11
C SER B 189 17.26 -14.96 20.79
N TYR B 190 16.13 -14.24 20.84
CA TYR B 190 15.60 -13.56 19.68
C TYR B 190 15.46 -12.08 19.99
N THR B 191 15.99 -11.26 19.09
CA THR B 191 15.99 -9.82 19.31
C THR B 191 15.48 -9.02 18.12
N CYS B 192 14.57 -8.11 18.41
CA CYS B 192 14.10 -7.09 17.49
C CYS B 192 14.84 -5.81 17.88
N GLU B 193 15.68 -5.29 16.98
CA GLU B 193 16.46 -4.11 17.27
C GLU B 193 16.06 -2.95 16.33
N ALA B 194 15.60 -1.83 16.88
CA ALA B 194 15.14 -0.73 16.03
C ALA B 194 15.94 0.54 16.20
N THR B 195 16.21 1.20 15.08
CA THR B 195 16.85 2.52 15.13
C THR B 195 15.88 3.54 14.55
N HIS B 196 15.71 4.63 15.29
CA HIS B 196 14.78 5.67 14.94
C HIS B 196 15.40 6.98 15.41
N LYS B 197 15.10 8.08 14.73
CA LYS B 197 15.79 9.36 15.00
C LYS B 197 15.59 9.87 16.43
N THR B 198 14.59 9.35 17.13
CA THR B 198 14.28 9.81 18.49
C THR B 198 15.32 9.36 19.51
N SER B 199 16.21 8.46 19.11
CA SER B 199 17.35 8.14 19.98
C SER B 199 18.58 7.71 19.20
N THR B 200 19.75 8.06 19.71
CA THR B 200 20.98 7.68 19.04
C THR B 200 21.37 6.22 19.34
N SER B 201 20.66 5.58 20.24
CA SER B 201 20.88 4.16 20.53
C SER B 201 19.79 3.29 19.92
N PRO B 202 20.16 2.09 19.45
CA PRO B 202 19.12 1.16 18.99
C PRO B 202 18.22 0.71 20.15
N ILE B 203 16.93 0.65 19.89
CA ILE B 203 15.99 0.07 20.83
C ILE B 203 16.08 -1.45 20.79
N VAL B 204 16.40 -2.07 21.92
CA VAL B 204 16.54 -3.52 21.93
C VAL B 204 15.38 -4.16 22.68
N LYS B 205 14.72 -5.10 21.99
CA LYS B 205 13.58 -5.83 22.52
C LYS B 205 13.83 -7.30 22.24
N SER B 206 13.99 -8.10 23.29
CA SER B 206 14.37 -9.50 23.13
C SER B 206 13.51 -10.42 23.98
N PHE B 207 13.55 -11.71 23.65
CA PHE B 207 13.18 -12.74 24.61
C PHE B 207 14.18 -13.87 24.55
N ASN B 208 14.32 -14.56 25.67
CA ASN B 208 15.12 -15.76 25.80
C ASN B 208 14.22 -16.93 26.09
N ARG B 209 14.33 -17.99 25.28
CA ARG B 209 13.42 -19.12 25.39
C ARG B 209 13.55 -19.84 26.72
N ASN B 210 14.75 -19.83 27.30
CA ASN B 210 14.96 -20.47 28.60
C ASN B 210 14.74 -19.49 29.76
#